data_8TLK
#
_entry.id   8TLK
#
_cell.length_a   173.479
_cell.length_b   31.538
_cell.length_c   94.566
_cell.angle_alpha   90.000
_cell.angle_beta   110.180
_cell.angle_gamma   90.000
#
_symmetry.space_group_name_H-M   'C 1 2 1'
#
loop_
_entity.id
_entity.type
_entity.pdbx_description
1 polymer 'Cell division cycle-associated protein 7'
2 polymer 'DNA (32-MER)'
3 non-polymer 'ZINC ION'
4 non-polymer 1,2-ETHANEDIOL
5 non-polymer GLYCEROL
6 non-polymer 'MAGNESIUM ION'
7 water water
#
loop_
_entity_poly.entity_id
_entity_poly.type
_entity_poly.pdbx_seq_one_letter_code
_entity_poly.pdbx_strand_id
1 'polypeptide(L)'
;GPLGSVTLPHIIRPVEEITEEELENVCSNSREKIYNRSLGSTCHQCRQKTIDTKTNCRNPDCWGVRGQFCGPCLRNRYGE
EVRDALLDPNWHCPPCRGICNCSFCRQRDGRCATGVLVYLAKYHGFGNVHAYLKSLKQEFEMQA
;
A,B
2 'polydeoxyribonucleotide'
;(DC)(DG)(DA)(DC)(DG)(DC)(DC)(DC)(DT)(DG)(DT)(5CM)(DG)(DC)(DT)(DG)(DA)(DG)(DA)
(DA)(DG)(DC)(DG)(DT)(DT)(DT)(DG)(DC)(DG)(DT)(DC)(DG)
;
X,C
#
loop_
_chem_comp.id
_chem_comp.type
_chem_comp.name
_chem_comp.formula
5CM DNA linking 5-METHYL-2'-DEOXY-CYTIDINE-5'-MONOPHOSPHATE 'C10 H16 N3 O7 P'
DA DNA linking 2'-DEOXYADENOSINE-5'-MONOPHOSPHATE 'C10 H14 N5 O6 P'
DC DNA linking 2'-DEOXYCYTIDINE-5'-MONOPHOSPHATE 'C9 H14 N3 O7 P'
DG DNA linking 2'-DEOXYGUANOSINE-5'-MONOPHOSPHATE 'C10 H14 N5 O7 P'
DT DNA linking THYMIDINE-5'-MONOPHOSPHATE 'C10 H15 N2 O8 P'
EDO non-polymer 1,2-ETHANEDIOL 'C2 H6 O2'
GOL non-polymer GLYCEROL 'C3 H8 O3'
MG non-polymer 'MAGNESIUM ION' 'Mg 2'
ZN non-polymer 'ZINC ION' 'Zn 2'
#
# COMPACT_ATOMS: atom_id res chain seq x y z
N GLY A 4 0.75 -26.37 -18.82
CA GLY A 4 1.14 -24.98 -19.06
C GLY A 4 2.31 -24.57 -18.19
N SER A 5 3.47 -24.29 -18.82
CA SER A 5 4.70 -24.11 -18.06
C SER A 5 4.75 -22.72 -17.41
N VAL A 6 4.55 -21.66 -18.19
CA VAL A 6 5.00 -20.34 -17.81
C VAL A 6 4.01 -19.68 -16.86
N THR A 7 4.49 -18.62 -16.19
CA THR A 7 3.74 -17.93 -15.15
C THR A 7 2.77 -16.91 -15.75
N LEU A 8 1.52 -16.93 -15.29
CA LEU A 8 0.54 -15.96 -15.75
C LEU A 8 0.89 -14.56 -15.27
N PRO A 9 0.52 -13.53 -16.02
CA PRO A 9 0.82 -12.15 -15.60
C PRO A 9 0.00 -11.73 -14.38
N HIS A 10 0.54 -10.76 -13.65
CA HIS A 10 -0.12 -10.14 -12.51
C HIS A 10 -0.40 -8.69 -12.83
N ILE A 11 -1.67 -8.29 -12.71
CA ILE A 11 -2.12 -6.94 -13.03
C ILE A 11 -2.71 -6.32 -11.77
N ILE A 12 -2.28 -5.10 -11.47
CA ILE A 12 -2.77 -4.38 -10.29
C ILE A 12 -3.95 -3.51 -10.71
N ARG A 13 -5.10 -3.74 -10.09
CA ARG A 13 -6.31 -2.99 -10.41
C ARG A 13 -6.53 -1.92 -9.36
N PRO A 14 -6.52 -0.64 -9.72
CA PRO A 14 -6.77 0.42 -8.74
C PRO A 14 -8.18 0.32 -8.16
N VAL A 15 -8.33 0.80 -6.93
CA VAL A 15 -9.61 0.77 -6.25
C VAL A 15 -10.67 1.54 -7.02
N GLU A 16 -10.25 2.53 -7.81
CA GLU A 16 -11.20 3.27 -8.64
C GLU A 16 -11.80 2.41 -9.74
N GLU A 17 -11.05 1.42 -10.22
CA GLU A 17 -11.53 0.56 -11.30
C GLU A 17 -12.45 -0.56 -10.81
N ILE A 18 -12.62 -0.72 -9.51
CA ILE A 18 -13.49 -1.76 -8.97
C ILE A 18 -14.94 -1.32 -9.16
N THR A 19 -15.75 -2.18 -9.79
CA THR A 19 -17.12 -1.87 -10.11
C THR A 19 -18.07 -2.57 -9.14
N GLU A 20 -19.31 -2.05 -9.07
CA GLU A 20 -20.31 -2.63 -8.17
C GLU A 20 -20.68 -4.04 -8.58
N GLU A 21 -20.61 -4.35 -9.88
CA GLU A 21 -20.92 -5.70 -10.33
C GLU A 21 -19.93 -6.70 -9.76
N GLU A 22 -18.64 -6.34 -9.71
CA GLU A 22 -17.64 -7.23 -9.15
C GLU A 22 -17.88 -7.49 -7.66
N LEU A 23 -18.25 -6.45 -6.91
CA LEU A 23 -18.56 -6.64 -5.50
C LEU A 23 -19.81 -7.50 -5.31
N GLU A 24 -20.78 -7.39 -6.21
CA GLU A 24 -21.98 -8.21 -6.13
C GLU A 24 -21.70 -9.68 -6.39
N ASN A 25 -20.55 -10.01 -6.99
CA ASN A 25 -20.22 -11.38 -7.34
C ASN A 25 -19.21 -12.01 -6.38
N VAL A 26 -18.99 -11.41 -5.21
CA VAL A 26 -18.12 -12.02 -4.22
C VAL A 26 -18.80 -13.25 -3.64
N CYS A 27 -18.11 -14.38 -3.68
CA CYS A 27 -18.70 -15.63 -3.22
C CYS A 27 -18.93 -15.60 -1.72
N SER A 28 -20.10 -16.10 -1.30
CA SER A 28 -20.46 -16.21 0.10
C SER A 28 -20.35 -17.63 0.63
N ASN A 29 -20.79 -18.61 -0.16
CA ASN A 29 -20.70 -20.02 0.19
C ASN A 29 -19.94 -20.76 -0.90
N SER A 30 -18.92 -21.51 -0.51
CA SER A 30 -18.08 -22.19 -1.49
C SER A 30 -18.85 -23.22 -2.32
N ARG A 31 -19.96 -23.73 -1.81
CA ARG A 31 -20.78 -24.68 -2.56
C ARG A 31 -21.58 -24.00 -3.67
N GLU A 32 -21.65 -22.67 -3.69
CA GLU A 32 -22.39 -21.94 -4.70
C GLU A 32 -21.51 -21.47 -5.85
N LYS A 33 -20.23 -21.84 -5.85
CA LYS A 33 -19.33 -21.42 -6.91
C LYS A 33 -19.71 -22.06 -8.25
N ILE A 34 -19.34 -21.38 -9.33
CA ILE A 34 -19.58 -21.87 -10.68
C ILE A 34 -18.22 -22.06 -11.35
N TYR A 35 -17.93 -23.28 -11.78
CA TYR A 35 -16.65 -23.60 -12.38
C TYR A 35 -16.63 -23.25 -13.87
N ASN A 36 -15.53 -22.66 -14.31
CA ASN A 36 -15.33 -22.34 -15.73
C ASN A 36 -13.83 -22.31 -16.00
N ARG A 37 -13.38 -23.15 -16.94
CA ARG A 37 -11.96 -23.21 -17.26
C ARG A 37 -11.49 -22.01 -18.07
N SER A 38 -12.42 -21.26 -18.67
CA SER A 38 -12.06 -20.13 -19.53
C SER A 38 -12.23 -18.79 -18.84
N LEU A 39 -13.43 -18.52 -18.30
CA LEU A 39 -13.73 -17.25 -17.67
C LEU A 39 -13.42 -17.21 -16.18
N GLY A 40 -13.09 -18.36 -15.57
CA GLY A 40 -12.89 -18.40 -14.15
C GLY A 40 -11.50 -17.97 -13.71
N SER A 41 -11.36 -17.79 -12.40
CA SER A 41 -10.10 -17.48 -11.76
C SER A 41 -9.88 -18.44 -10.60
N THR A 42 -8.61 -18.66 -10.28
CA THR A 42 -8.24 -19.69 -9.30
C THR A 42 -7.90 -19.04 -7.96
N CYS A 43 -8.55 -19.53 -6.90
CA CYS A 43 -8.21 -19.13 -5.55
C CYS A 43 -6.95 -19.83 -5.09
N HIS A 44 -6.08 -19.10 -4.37
CA HIS A 44 -4.84 -19.69 -3.90
C HIS A 44 -5.06 -20.68 -2.77
N GLN A 45 -6.07 -20.45 -1.94
CA GLN A 45 -6.29 -21.29 -0.77
C GLN A 45 -6.91 -22.64 -1.16
N CYS A 46 -8.10 -22.60 -1.78
CA CYS A 46 -8.81 -23.82 -2.14
C CYS A 46 -8.41 -24.37 -3.50
N ARG A 47 -7.63 -23.62 -4.29
CA ARG A 47 -7.14 -24.07 -5.59
C ARG A 47 -8.29 -24.47 -6.52
N GLN A 48 -9.33 -23.65 -6.54
CA GLN A 48 -10.50 -23.87 -7.38
C GLN A 48 -10.64 -22.73 -8.37
N LYS A 49 -10.77 -23.06 -9.65
CA LYS A 49 -10.93 -22.07 -10.71
C LYS A 49 -12.41 -21.84 -10.95
N THR A 50 -12.93 -20.75 -10.40
CA THR A 50 -14.35 -20.42 -10.50
C THR A 50 -14.51 -18.95 -10.89
N ILE A 51 -15.76 -18.56 -11.16
CA ILE A 51 -16.05 -17.25 -11.74
C ILE A 51 -16.37 -16.19 -10.69
N ASP A 52 -16.36 -16.54 -9.41
CA ASP A 52 -16.64 -15.55 -8.37
C ASP A 52 -15.51 -14.53 -8.28
N THR A 53 -15.85 -13.33 -7.83
CA THR A 53 -14.86 -12.27 -7.71
C THR A 53 -13.83 -12.63 -6.64
N LYS A 54 -12.56 -12.34 -6.94
CA LYS A 54 -11.45 -12.70 -6.07
C LYS A 54 -10.56 -11.49 -5.83
N THR A 55 -9.81 -11.55 -4.73
CA THR A 55 -8.98 -10.43 -4.32
C THR A 55 -7.88 -10.15 -5.33
N ASN A 56 -7.54 -8.88 -5.48
CA ASN A 56 -6.49 -8.42 -6.37
C ASN A 56 -5.35 -7.88 -5.51
N CYS A 57 -4.24 -8.62 -5.47
CA CYS A 57 -3.09 -8.17 -4.69
C CYS A 57 -2.43 -6.97 -5.38
N ARG A 58 -2.22 -5.91 -4.61
CA ARG A 58 -1.74 -4.64 -5.15
C ARG A 58 -0.26 -4.39 -4.88
N ASN A 59 0.47 -5.40 -4.42
CA ASN A 59 1.92 -5.26 -4.25
C ASN A 59 2.59 -5.38 -5.61
N PRO A 60 3.36 -4.39 -6.04
CA PRO A 60 4.06 -4.52 -7.34
C PRO A 60 5.00 -5.71 -7.39
N ASP A 61 5.59 -6.10 -6.26
CA ASP A 61 6.47 -7.26 -6.24
C ASP A 61 5.71 -8.57 -6.38
N CYS A 62 4.40 -8.56 -6.13
CA CYS A 62 3.61 -9.78 -6.27
C CYS A 62 3.54 -10.22 -7.73
N TRP A 63 3.44 -11.53 -7.94
CA TRP A 63 3.47 -12.10 -9.28
C TRP A 63 2.48 -13.25 -9.35
N GLY A 64 2.08 -13.57 -10.59
CA GLY A 64 1.24 -14.73 -10.82
C GLY A 64 -0.16 -14.57 -10.24
N VAL A 65 -0.76 -15.70 -9.89
CA VAL A 65 -2.10 -15.73 -9.35
C VAL A 65 -2.10 -16.14 -7.87
N ARG A 66 -0.99 -15.90 -7.17
CA ARG A 66 -0.91 -16.24 -5.76
C ARG A 66 -1.80 -15.33 -4.91
N GLY A 67 -2.05 -14.11 -5.38
CA GLY A 67 -2.82 -13.13 -4.64
C GLY A 67 -4.32 -13.25 -4.74
N GLN A 68 -4.82 -14.22 -5.51
CA GLN A 68 -6.26 -14.37 -5.74
C GLN A 68 -6.84 -15.27 -4.65
N PHE A 69 -7.81 -14.73 -3.91
CA PHE A 69 -8.51 -15.48 -2.87
C PHE A 69 -10.02 -15.27 -3.03
N CYS A 70 -10.78 -16.32 -2.76
CA CYS A 70 -12.23 -16.26 -2.87
C CYS A 70 -12.83 -15.74 -1.56
N GLY A 71 -14.14 -15.57 -1.55
CA GLY A 71 -14.86 -15.08 -0.41
C GLY A 71 -14.69 -15.95 0.82
N PRO A 72 -15.20 -17.18 0.77
CA PRO A 72 -15.10 -18.07 1.95
C PRO A 72 -13.69 -18.29 2.44
N CYS A 73 -12.72 -18.44 1.53
CA CYS A 73 -11.36 -18.76 1.94
C CYS A 73 -10.71 -17.59 2.67
N LEU A 74 -10.85 -16.37 2.14
CA LEU A 74 -10.28 -15.21 2.82
C LEU A 74 -10.97 -14.97 4.15
N ARG A 75 -12.29 -15.16 4.19
CA ARG A 75 -13.04 -14.94 5.42
C ARG A 75 -12.68 -15.97 6.49
N ASN A 76 -12.71 -17.25 6.13
CA ASN A 76 -12.55 -18.31 7.12
C ASN A 76 -11.09 -18.52 7.52
N ARG A 77 -10.14 -18.29 6.62
CA ARG A 77 -8.74 -18.56 6.90
C ARG A 77 -7.95 -17.34 7.33
N TYR A 78 -8.43 -16.12 7.04
CA TYR A 78 -7.69 -14.91 7.35
C TYR A 78 -8.54 -13.82 7.97
N GLY A 79 -9.83 -14.05 8.20
CA GLY A 79 -10.66 -13.07 8.89
C GLY A 79 -10.81 -11.75 8.17
N GLU A 80 -10.67 -11.75 6.85
CA GLU A 80 -10.81 -10.54 6.06
C GLU A 80 -11.87 -10.75 4.99
N GLU A 81 -12.52 -9.65 4.60
CA GLU A 81 -13.55 -9.68 3.58
C GLU A 81 -12.96 -9.30 2.22
N VAL A 82 -13.37 -10.02 1.18
CA VAL A 82 -12.90 -9.73 -0.16
C VAL A 82 -13.29 -8.31 -0.57
N ARG A 83 -14.51 -7.90 -0.22
CA ARG A 83 -14.94 -6.54 -0.54
C ARG A 83 -14.05 -5.50 0.12
N ASP A 84 -13.67 -5.74 1.38
CA ASP A 84 -12.72 -4.85 2.04
C ASP A 84 -11.35 -4.92 1.37
N ALA A 85 -10.93 -6.12 0.95
CA ALA A 85 -9.65 -6.27 0.28
C ALA A 85 -9.61 -5.56 -1.07
N LEU A 86 -10.69 -5.68 -1.85
CA LEU A 86 -10.73 -5.06 -3.16
C LEU A 86 -10.75 -3.54 -3.07
N LEU A 87 -11.30 -2.99 -1.98
CA LEU A 87 -11.37 -1.54 -1.80
C LEU A 87 -10.16 -1.00 -1.04
N ASP A 88 -9.18 -1.84 -0.72
CA ASP A 88 -8.00 -1.40 0.00
C ASP A 88 -6.89 -1.11 -1.00
N PRO A 89 -6.45 0.14 -1.14
CA PRO A 89 -5.35 0.44 -2.09
C PRO A 89 -4.02 -0.19 -1.69
N ASN A 90 -3.84 -0.57 -0.42
CA ASN A 90 -2.57 -1.10 0.07
C ASN A 90 -2.71 -2.54 0.52
N TRP A 91 -3.65 -3.29 -0.06
CA TRP A 91 -3.87 -4.67 0.36
C TRP A 91 -2.86 -5.59 -0.31
N HIS A 92 -2.17 -6.37 0.52
CA HIS A 92 -1.22 -7.38 0.05
C HIS A 92 -1.73 -8.76 0.43
N CYS A 93 -1.51 -9.73 -0.45
CA CYS A 93 -2.01 -11.07 -0.23
C CYS A 93 -1.28 -11.75 0.92
N PRO A 94 -1.91 -12.73 1.56
CA PRO A 94 -1.25 -13.46 2.66
C PRO A 94 0.08 -14.08 2.24
N PRO A 95 0.20 -14.62 1.02
CA PRO A 95 1.54 -15.05 0.57
C PRO A 95 2.55 -13.91 0.55
N CYS A 96 2.13 -12.70 0.17
CA CYS A 96 3.04 -11.57 0.19
C CYS A 96 3.46 -11.23 1.61
N ARG A 97 2.51 -11.28 2.55
CA ARG A 97 2.81 -11.02 3.96
C ARG A 97 3.47 -12.21 4.64
N GLY A 98 3.58 -13.34 3.97
CA GLY A 98 4.18 -14.52 4.57
C GLY A 98 3.36 -15.11 5.71
N ILE A 99 2.04 -15.08 5.59
CA ILE A 99 1.16 -15.59 6.64
C ILE A 99 0.13 -16.54 6.04
N CYS A 100 0.36 -16.95 4.79
CA CYS A 100 -0.58 -17.85 4.12
C CYS A 100 -0.54 -19.23 4.76
N ASN A 101 -1.71 -19.79 5.04
CA ASN A 101 -1.84 -21.09 5.69
C ASN A 101 -2.43 -22.15 4.77
N CYS A 102 -2.22 -22.01 3.46
CA CYS A 102 -2.63 -23.05 2.53
C CYS A 102 -1.75 -24.27 2.71
N SER A 103 -2.23 -25.41 2.18
CA SER A 103 -1.56 -26.68 2.42
C SER A 103 -0.13 -26.71 1.92
N PHE A 104 0.23 -25.83 0.98
CA PHE A 104 1.58 -25.82 0.43
C PHE A 104 2.50 -24.82 1.14
N CYS A 105 1.99 -23.63 1.45
CA CYS A 105 2.86 -22.61 2.05
C CYS A 105 3.20 -22.93 3.49
N ARG A 106 2.24 -23.45 4.26
CA ARG A 106 2.53 -23.85 5.64
C ARG A 106 3.46 -25.06 5.69
N GLN A 107 3.64 -25.76 4.58
CA GLN A 107 4.49 -26.95 4.58
C GLN A 107 5.97 -26.60 4.61
N ARG A 108 6.35 -25.51 3.94
CA ARG A 108 7.76 -25.15 3.80
C ARG A 108 8.43 -24.90 5.16
N1 5CM B 12 28.82 -10.41 -7.35
C2 5CM B 12 28.77 -9.83 -8.61
N3 5CM B 12 28.92 -10.62 -9.69
C4 5CM B 12 29.12 -11.95 -9.55
C5 5CM B 12 29.17 -12.57 -8.27
C5A 5CM B 12 29.38 -14.06 -8.15
C6 5CM B 12 29.01 -11.76 -7.21
O2 5CM B 12 28.59 -8.60 -8.70
N4 5CM B 12 29.26 -12.67 -10.66
C1' 5CM B 12 28.62 -9.55 -6.16
C2' 5CM B 12 27.35 -9.83 -5.40
C3' 5CM B 12 27.69 -9.38 -3.98
C4' 5CM B 12 29.22 -9.57 -3.90
O4' 5CM B 12 29.67 -9.82 -5.25
O3' 5CM B 12 27.37 -8.01 -3.77
C5' 5CM B 12 29.68 -10.67 -2.99
O5' 5CM B 12 29.23 -11.94 -3.51
P 5CM B 12 30.19 -13.23 -3.27
OP1 5CM B 12 30.36 -13.42 -1.79
OP2 5CM B 12 29.54 -14.42 -3.97
N VAL C 6 -9.35 19.81 -3.81
CA VAL C 6 -9.89 19.68 -2.46
C VAL C 6 -8.79 19.24 -1.49
N THR C 7 -8.57 17.93 -1.39
CA THR C 7 -7.53 17.37 -0.55
C THR C 7 -6.69 16.41 -1.39
N LEU C 8 -5.37 16.56 -1.32
CA LEU C 8 -4.49 15.73 -2.12
C LEU C 8 -4.53 14.28 -1.64
N PRO C 9 -4.43 13.33 -2.57
CA PRO C 9 -4.42 11.92 -2.17
C PRO C 9 -3.17 11.56 -1.37
N HIS C 10 -3.32 10.58 -0.50
CA HIS C 10 -2.22 10.06 0.31
C HIS C 10 -1.87 8.66 -0.18
N ILE C 11 -0.63 8.47 -0.58
CA ILE C 11 -0.15 7.20 -1.14
C ILE C 11 0.95 6.68 -0.24
N ILE C 12 0.83 5.43 0.19
CA ILE C 12 1.80 4.79 1.06
C ILE C 12 2.81 4.03 0.20
N ARG C 13 4.09 4.35 0.39
CA ARG C 13 5.16 3.69 -0.34
C ARG C 13 5.83 2.67 0.56
N PRO C 14 5.82 1.39 0.23
CA PRO C 14 6.47 0.38 1.08
C PRO C 14 7.97 0.58 1.12
N VAL C 15 8.58 0.04 2.18
CA VAL C 15 10.03 0.16 2.35
C VAL C 15 10.75 -0.51 1.18
N GLU C 16 10.23 -1.62 0.69
CA GLU C 16 10.84 -2.31 -0.45
C GLU C 16 10.89 -1.41 -1.68
N GLU C 17 9.94 -0.48 -1.81
CA GLU C 17 9.92 0.41 -2.97
C GLU C 17 10.87 1.59 -2.82
N ILE C 18 11.47 1.79 -1.66
CA ILE C 18 12.38 2.93 -1.46
C ILE C 18 13.70 2.64 -2.17
N THR C 19 14.13 3.59 -2.99
CA THR C 19 15.33 3.45 -3.79
C THR C 19 16.49 4.22 -3.17
N GLU C 20 17.71 3.85 -3.59
CA GLU C 20 18.90 4.54 -3.09
C GLU C 20 18.98 5.96 -3.64
N GLU C 21 18.42 6.21 -4.81
CA GLU C 21 18.39 7.57 -5.36
C GLU C 21 17.59 8.51 -4.46
N GLU C 22 16.45 8.03 -3.95
CA GLU C 22 15.63 8.85 -3.06
C GLU C 22 16.39 9.17 -1.77
N LEU C 23 17.09 8.19 -1.22
CA LEU C 23 17.86 8.43 0.00
C LEU C 23 18.99 9.42 -0.25
N GLU C 24 19.65 9.32 -1.41
CA GLU C 24 20.72 10.25 -1.74
C GLU C 24 20.21 11.68 -1.91
N ASN C 25 18.91 11.88 -2.10
CA ASN C 25 18.33 13.20 -2.30
C ASN C 25 17.69 13.76 -1.03
N VAL C 26 17.93 13.15 0.13
CA VAL C 26 17.43 13.72 1.38
C VAL C 26 18.15 15.03 1.65
N CYS C 27 17.40 16.02 2.12
CA CYS C 27 17.98 17.33 2.35
C CYS C 27 18.88 17.33 3.59
N SER C 28 20.02 18.00 3.48
CA SER C 28 20.95 18.15 4.59
C SER C 28 20.99 19.55 5.16
N ASN C 29 20.71 20.57 4.33
CA ASN C 29 20.63 21.95 4.79
C ASN C 29 19.47 22.63 4.08
N SER C 30 18.63 23.33 4.84
CA SER C 30 17.42 23.92 4.27
C SER C 30 17.74 24.96 3.20
N ARG C 31 18.89 25.62 3.29
CA ARG C 31 19.27 26.62 2.29
C ARG C 31 19.59 25.98 0.95
N GLU C 32 19.83 24.68 0.90
CA GLU C 32 20.19 23.99 -0.33
C GLU C 32 18.98 23.43 -1.08
N LYS C 33 17.77 23.73 -0.62
CA LYS C 33 16.57 23.22 -1.26
C LYS C 33 16.35 23.89 -2.62
N ILE C 34 15.70 23.16 -3.52
CA ILE C 34 15.38 23.64 -4.86
C ILE C 34 13.86 23.71 -4.97
N TYR C 35 13.35 24.90 -5.29
CA TYR C 35 11.91 25.12 -5.36
C TYR C 35 11.37 24.72 -6.73
N ASN C 36 10.35 23.86 -6.73
CA ASN C 36 9.63 23.49 -7.94
C ASN C 36 8.14 23.44 -7.63
N ARG C 37 7.36 24.21 -8.38
CA ARG C 37 5.92 24.27 -8.15
CA ARG C 37 5.91 24.28 -8.17
C ARG C 37 5.17 23.09 -8.75
N SER C 38 5.81 22.28 -9.57
CA SER C 38 5.19 21.11 -10.19
C SER C 38 5.74 19.79 -9.66
N LEU C 39 7.06 19.62 -9.70
CA LEU C 39 7.70 18.36 -9.31
C LEU C 39 8.07 18.30 -7.84
N GLY C 40 7.84 19.38 -7.09
CA GLY C 40 8.23 19.42 -5.70
C GLY C 40 7.18 18.85 -4.75
N SER C 41 7.57 18.70 -3.50
CA SER C 41 6.69 18.27 -2.43
C SER C 41 6.82 19.24 -1.26
N THR C 42 5.73 19.38 -0.50
CA THR C 42 5.66 20.35 0.57
C THR C 42 5.96 19.68 1.91
N CYS C 43 6.88 20.27 2.67
CA CYS C 43 7.14 19.82 4.02
C CYS C 43 6.11 20.43 4.97
N HIS C 44 5.56 19.60 5.86
CA HIS C 44 4.52 20.07 6.76
C HIS C 44 5.05 21.09 7.77
N GLN C 45 6.33 20.96 8.16
CA GLN C 45 6.87 21.83 9.20
C GLN C 45 7.15 23.23 8.65
N CYS C 46 8.01 23.34 7.63
CA CYS C 46 8.39 24.63 7.09
C CYS C 46 7.46 25.13 5.99
N ARG C 47 6.52 24.31 5.55
CA ARG C 47 5.52 24.69 4.54
C ARG C 47 6.20 25.19 3.25
N GLN C 48 7.26 24.49 2.84
CA GLN C 48 8.00 24.81 1.63
C GLN C 48 7.88 23.66 0.64
N LYS C 49 7.57 23.98 -0.61
CA LYS C 49 7.38 22.99 -1.67
C LYS C 49 8.68 22.89 -2.46
N THR C 50 9.47 21.87 -2.17
CA THR C 50 10.77 21.65 -2.79
C THR C 50 10.87 20.21 -3.26
N ILE C 51 11.98 19.87 -3.94
CA ILE C 51 12.13 18.57 -4.59
C ILE C 51 12.99 17.61 -3.77
N ASP C 52 13.46 18.01 -2.59
CA ASP C 52 14.21 17.07 -1.77
C ASP C 52 13.30 15.99 -1.22
N THR C 53 13.89 14.82 -0.96
CA THR C 53 13.11 13.69 -0.49
C THR C 53 12.52 13.96 0.89
N LYS C 54 11.26 13.56 1.07
CA LYS C 54 10.54 13.81 2.31
C LYS C 54 9.84 12.53 2.77
N THR C 55 9.49 12.51 4.04
CA THR C 55 8.95 11.31 4.67
C THR C 55 7.58 10.96 4.11
N ASN C 56 7.29 9.67 4.07
CA ASN C 56 6.00 9.14 3.63
C ASN C 56 5.38 8.38 4.79
N CYS C 57 4.23 8.85 5.26
CA CYS C 57 3.57 8.25 6.41
C CYS C 57 2.92 6.92 6.01
N ARG C 58 3.11 5.90 6.84
CA ARG C 58 2.58 4.57 6.58
C ARG C 58 1.23 4.32 7.26
N ASN C 59 0.66 5.32 7.92
CA ASN C 59 -0.63 5.14 8.56
C ASN C 59 -1.74 5.16 7.51
N PRO C 60 -2.54 4.10 7.41
CA PRO C 60 -3.67 4.14 6.47
C PRO C 60 -4.66 5.26 6.76
N ASP C 61 -4.85 5.61 8.04
CA ASP C 61 -5.76 6.69 8.40
C ASP C 61 -5.19 8.07 8.08
N CYS C 62 -3.90 8.18 7.78
CA CYS C 62 -3.32 9.46 7.41
C CYS C 62 -3.85 9.90 6.06
N TRP C 63 -4.03 11.21 5.90
CA TRP C 63 -4.59 11.77 4.67
C TRP C 63 -3.79 12.98 4.26
N GLY C 64 -3.82 13.27 2.95
CA GLY C 64 -3.19 14.47 2.44
C GLY C 64 -1.67 14.40 2.48
N VAL C 65 -1.06 15.57 2.66
CA VAL C 65 0.39 15.71 2.67
C VAL C 65 0.90 16.15 4.04
N ARG C 66 0.12 15.90 5.09
CA ARG C 66 0.54 16.28 6.44
C ARG C 66 1.77 15.50 6.89
N GLY C 67 1.98 14.29 6.36
CA GLY C 67 3.08 13.45 6.73
C GLY C 67 4.39 13.70 6.03
N GLN C 68 4.43 14.63 5.08
CA GLN C 68 5.65 14.93 4.36
C GLN C 68 6.51 15.89 5.17
N PHE C 69 7.70 15.44 5.56
CA PHE C 69 8.63 16.26 6.33
C PHE C 69 10.01 16.18 5.70
N CYS C 70 10.68 17.33 5.64
CA CYS C 70 12.00 17.41 5.04
C CYS C 70 13.06 16.93 6.03
N GLY C 71 14.30 16.86 5.53
CA GLY C 71 15.43 16.42 6.33
C GLY C 71 15.70 17.30 7.54
N PRO C 72 16.02 18.58 7.31
CA PRO C 72 16.31 19.47 8.45
C PRO C 72 15.17 19.58 9.44
N CYS C 73 13.92 19.63 8.97
CA CYS C 73 12.79 19.83 9.88
C CYS C 73 12.57 18.61 10.77
N LEU C 74 12.55 17.41 10.18
CA LEU C 74 12.39 16.20 10.97
C LEU C 74 13.55 16.02 11.94
N ARG C 75 14.76 16.33 11.49
CA ARG C 75 15.94 16.20 12.35
C ARG C 75 15.91 17.19 13.50
N ASN C 76 15.68 18.47 13.20
CA ASN C 76 15.79 19.50 14.22
C ASN C 76 14.57 19.54 15.14
N ARG C 77 13.37 19.34 14.59
CA ARG C 77 12.16 19.49 15.38
C ARG C 77 11.69 18.19 16.02
N TYR C 78 12.19 17.04 15.57
CA TYR C 78 11.74 15.77 16.12
C TYR C 78 12.86 14.77 16.38
N GLY C 79 14.11 15.11 16.07
CA GLY C 79 15.22 14.21 16.36
C GLY C 79 15.16 12.89 15.61
N GLU C 80 14.63 12.89 14.39
CA GLU C 80 14.53 11.70 13.56
C GLU C 80 15.07 12.00 12.18
N GLU C 81 15.59 10.96 11.53
CA GLU C 81 16.14 11.08 10.19
C GLU C 81 15.13 10.61 9.16
N VAL C 82 15.04 11.34 8.05
CA VAL C 82 14.12 10.96 6.97
C VAL C 82 14.48 9.60 6.42
N ARG C 83 15.79 9.30 6.34
CA ARG C 83 16.21 7.98 5.88
C ARG C 83 15.69 6.89 6.80
N ASP C 84 15.78 7.10 8.12
CA ASP C 84 15.20 6.14 9.05
C ASP C 84 13.68 6.08 8.92
N ALA C 85 13.04 7.23 8.72
CA ALA C 85 11.59 7.26 8.58
C ALA C 85 11.13 6.52 7.33
N LEU C 86 11.82 6.72 6.21
CA LEU C 86 11.43 6.07 4.96
C LEU C 86 11.59 4.56 5.04
N LEU C 87 12.66 4.09 5.68
CA LEU C 87 12.93 2.67 5.77
C LEU C 87 12.17 1.98 6.91
N ASP C 88 11.38 2.73 7.68
CA ASP C 88 10.59 2.16 8.76
C ASP C 88 9.25 1.70 8.21
N PRO C 89 8.93 0.41 8.25
CA PRO C 89 7.63 -0.04 7.74
C PRO C 89 6.44 0.54 8.48
N ASN C 90 6.60 0.87 9.76
CA ASN C 90 5.50 1.35 10.59
C ASN C 90 5.78 2.75 11.12
N TRP C 91 6.28 3.63 10.25
CA TRP C 91 6.56 5.00 10.62
C TRP C 91 5.29 5.84 10.46
N HIS C 92 4.94 6.59 11.51
CA HIS C 92 3.80 7.49 11.48
C HIS C 92 4.30 8.92 11.64
N CYS C 93 3.59 9.85 10.99
CA CYS C 93 3.95 11.25 11.07
C CYS C 93 3.66 11.82 12.45
N PRO C 94 4.37 12.88 12.84
CA PRO C 94 4.05 13.54 14.11
C PRO C 94 2.61 14.03 14.18
N PRO C 95 2.03 14.54 13.08
CA PRO C 95 0.59 14.80 13.12
C PRO C 95 -0.25 13.57 13.42
N CYS C 96 0.12 12.41 12.89
CA CYS C 96 -0.59 11.18 13.23
C CYS C 96 -0.40 10.84 14.70
N ARG C 97 0.81 11.01 15.22
CA ARG C 97 1.09 10.76 16.64
C ARG C 97 0.64 11.90 17.54
N GLY C 98 0.14 13.00 16.97
CA GLY C 98 -0.33 14.11 17.77
C GLY C 98 0.75 14.80 18.57
N ILE C 99 1.96 14.91 17.99
CA ILE C 99 3.09 15.52 18.67
C ILE C 99 3.70 16.58 17.76
N CYS C 100 2.96 16.96 16.70
CA CYS C 100 3.47 17.94 15.75
C CYS C 100 3.56 19.31 16.41
N ASN C 101 4.72 19.95 16.29
CA ASN C 101 4.98 21.24 16.92
C ASN C 101 5.10 22.37 15.89
N CYS C 102 4.43 22.24 14.76
CA CYS C 102 4.42 23.31 13.78
C CYS C 102 3.60 24.49 14.32
N SER C 103 3.80 25.65 13.70
CA SER C 103 3.17 26.88 14.19
C SER C 103 1.65 26.79 14.21
N PHE C 104 1.06 25.95 13.36
CA PHE C 104 -0.39 25.81 13.32
C PHE C 104 -0.89 24.70 14.24
N CYS C 105 -0.22 23.55 14.25
CA CYS C 105 -0.65 22.44 15.09
C CYS C 105 -0.51 22.79 16.57
N ARG C 106 0.61 23.39 16.96
CA ARG C 106 0.81 23.77 18.36
C ARG C 106 0.03 25.04 18.67
N1 5CM D 12 -27.42 8.55 16.15
C2 5CM D 12 -27.75 7.94 14.94
N3 5CM D 12 -28.39 8.69 14.00
C4 5CM D 12 -28.69 9.97 14.23
C5 5CM D 12 -28.37 10.61 15.47
C5A 5CM D 12 -28.73 12.05 15.69
C6 5CM D 12 -27.74 9.87 16.38
O2 5CM D 12 -27.46 6.76 14.76
N4 5CM D 12 -29.32 10.65 13.26
C1' 5CM D 12 -26.72 7.75 17.18
C2' 5CM D 12 -25.28 8.17 17.41
C3' 5CM D 12 -25.03 7.69 18.84
C4' 5CM D 12 -26.42 7.78 19.49
O4' 5CM D 12 -27.37 7.94 18.41
O3' 5CM D 12 -24.58 6.34 18.86
C5' 5CM D 12 -26.60 8.88 20.50
O5' 5CM D 12 -26.54 10.16 19.84
P 5CM D 12 -27.41 11.39 20.46
OP1 5CM D 12 -26.97 11.59 21.89
OP2 5CM D 12 -27.20 12.60 19.57
ZN ZN E . -10.94 -20.20 -2.09
ZN ZN F . -0.11 -20.26 0.09
ZN ZN G . 0.68 -10.70 -3.52
C1 EDO H . 11.98 -9.83 -5.40
O1 EDO H . 12.62 -9.03 -6.40
C2 EDO H . 12.83 -11.05 -5.11
O2 EDO H . 12.17 -11.86 -4.12
C1 GOL I . -3.45 -28.87 -15.19
O1 GOL I . -4.16 -28.93 -13.99
C2 GOL I . -2.08 -28.22 -14.86
O2 GOL I . -2.21 -27.12 -14.02
C3 GOL I . -1.24 -29.35 -14.23
O3 GOL I . -0.80 -30.16 -15.27
MG MG J . 8.53 -9.77 -12.89
ZN ZN K . 10.58 21.42 6.50
ZN ZN L . 1.77 20.45 11.89
ZN ZN M . 0.46 10.38 9.03
C1 EDO N . -11.07 8.78 1.97
O1 EDO N . -10.11 9.69 2.51
C2 EDO N . -10.51 8.13 0.71
O2 EDO N . -10.26 9.14 -0.28
C1 GOL O . -3.14 29.66 -2.02
O1 GOL O . -3.60 30.96 -1.89
C2 GOL O . -1.59 29.73 -2.08
O2 GOL O . -1.01 28.49 -1.89
C3 GOL O . -1.27 30.33 -3.46
O3 GOL O . -1.44 29.30 -4.39
#